data_6XX1
#
_entry.id   6XX1
#
_cell.length_a   46.090
_cell.length_b   157.740
_cell.length_c   46.560
_cell.angle_alpha   90.000
_cell.angle_beta   94.410
_cell.angle_gamma   90.000
#
_symmetry.space_group_name_H-M   'P 1 21 1'
#
loop_
_entity.id
_entity.type
_entity.pdbx_description
1 polymer 'Cellulose binding domain-containing protein'
2 polymer 'Cellulose binding domain-containing protein'
3 water water
#
loop_
_entity_poly.entity_id
_entity_poly.type
_entity_poly.pdbx_seq_one_letter_code
_entity_poly.pdbx_strand_id
1 'polypeptide(L)'
;KIELKYKNGRTNVNTDTIYPMFTIVNKGNQKVKLSNIKIRYYYTKEGNASETFWCDYFTKGSSNVIGSFAKLNNDKNNAN
SYLEISFSDAAGEIGAGESVELSVGFAKNDWSQYNQKNDYSYSSSTTYFSWNKVTLYVSGKLVFGKEP
;
A,B
2 'polypeptide(L)'
;HMKIELKYKNGRTNVNTDTIYPMFTIVNKGNQKVKLSNIKIRYYYTKEGNASETFWCDYFTKGSSNVIGSFAKLNNDKNN
ANSYLEISFSDAAGEIGAGESVELSVGFAKNDWSQYNQKNDYSYSSSTTYFSWNKVTLYVSGKLVFGKEP
;
C,D
#
# COMPACT_ATOMS: atom_id res chain seq x y z
N LYS A 1 -7.65 -18.97 10.85
CA LYS A 1 -6.96 -20.06 10.14
C LYS A 1 -5.48 -19.76 10.15
N ILE A 2 -4.84 -20.20 11.22
CA ILE A 2 -3.47 -19.91 11.49
C ILE A 2 -2.68 -21.19 11.22
N GLU A 3 -1.71 -21.13 10.31
CA GLU A 3 -0.86 -22.28 9.99
C GLU A 3 0.56 -22.09 10.49
N LEU A 4 1.24 -23.23 10.73
CA LEU A 4 2.64 -23.21 11.18
C LEU A 4 3.57 -23.97 10.21
N LYS A 5 4.70 -23.37 9.87
CA LYS A 5 5.76 -24.01 9.08
C LYS A 5 6.99 -24.14 9.93
N TYR A 6 7.73 -25.23 9.70
CA TYR A 6 8.96 -25.54 10.40
C TYR A 6 10.16 -25.77 9.47
N LYS A 7 11.33 -25.33 9.89
CA LYS A 7 12.57 -25.86 9.38
C LYS A 7 13.61 -25.93 10.48
N ASN A 8 14.65 -26.68 10.21
CA ASN A 8 15.75 -26.95 11.21
C ASN A 8 16.92 -26.02 10.92
N GLY A 9 17.32 -25.18 11.89
CA GLY A 9 18.45 -24.30 11.74
C GLY A 9 19.84 -24.93 11.79
N ARG A 10 19.91 -26.20 12.15
CA ARG A 10 21.20 -26.91 12.35
C ARG A 10 20.88 -28.39 12.63
N THR A 11 21.03 -29.17 11.62
CA THR A 11 20.45 -30.50 11.63
C THR A 11 21.22 -31.58 12.42
N ASN A 12 22.46 -31.29 12.84
CA ASN A 12 23.32 -32.24 13.63
C ASN A 12 22.40 -32.94 14.61
N VAL A 13 22.50 -34.27 14.79
CA VAL A 13 21.49 -34.99 15.62
C VAL A 13 21.95 -35.30 17.04
N ASN A 14 23.23 -35.10 17.39
CA ASN A 14 23.69 -35.48 18.73
C ASN A 14 24.10 -34.31 19.58
N THR A 15 23.83 -33.09 19.10
CA THR A 15 24.18 -31.88 19.85
C THR A 15 23.27 -31.65 21.08
N ASP A 16 23.74 -30.86 22.05
CA ASP A 16 22.94 -30.50 23.19
C ASP A 16 21.91 -29.37 22.84
N THR A 17 22.27 -28.63 21.80
CA THR A 17 21.50 -27.44 21.36
C THR A 17 20.62 -27.88 20.17
N ILE A 18 19.45 -27.25 20.07
CA ILE A 18 18.44 -27.53 19.07
C ILE A 18 18.02 -26.16 18.51
N TYR A 19 17.73 -26.10 17.22
CA TYR A 19 17.52 -24.76 16.51
C TYR A 19 16.22 -24.80 15.68
N PRO A 20 15.08 -24.80 16.36
CA PRO A 20 13.80 -24.73 15.68
C PRO A 20 13.56 -23.40 15.03
N MET A 21 13.11 -23.42 13.81
CA MET A 21 12.74 -22.15 13.10
C MET A 21 11.30 -22.30 12.60
N PHE A 22 10.49 -21.24 12.76
CA PHE A 22 9.08 -21.30 12.38
C PHE A 22 8.67 -20.08 11.58
N THR A 23 7.71 -20.32 10.69
CA THR A 23 6.90 -19.23 10.14
C THR A 23 5.46 -19.47 10.56
N ILE A 24 4.85 -18.41 11.13
CA ILE A 24 3.46 -18.44 11.51
C ILE A 24 2.66 -17.63 10.48
N VAL A 25 1.71 -18.26 9.82
CA VAL A 25 1.03 -17.67 8.66
C VAL A 25 -0.46 -17.48 8.99
N ASN A 26 -0.96 -16.23 8.85
CA ASN A 26 -2.40 -16.00 8.99
C ASN A 26 -3.06 -16.14 7.62
N LYS A 27 -3.66 -17.28 7.38
CA LYS A 27 -4.31 -17.58 6.08
C LYS A 27 -5.82 -17.35 6.19
N GLY A 28 -6.26 -16.56 7.17
CA GLY A 28 -7.72 -16.28 7.34
C GLY A 28 -7.99 -14.85 7.07
N ASN A 29 -9.18 -14.40 7.45
CA ASN A 29 -9.67 -13.06 7.17
C ASN A 29 -9.67 -12.12 8.34
N GLN A 30 -9.35 -12.67 9.50
CA GLN A 30 -9.31 -11.94 10.75
C GLN A 30 -7.88 -11.89 11.30
N LYS A 31 -7.47 -10.77 11.88
CA LYS A 31 -6.17 -10.66 12.53
C LYS A 31 -6.18 -11.47 13.82
N VAL A 32 -5.01 -11.91 14.25
CA VAL A 32 -4.90 -12.70 15.49
C VAL A 32 -3.86 -11.98 16.30
N LYS A 33 -4.09 -11.80 17.61
CA LYS A 33 -3.12 -11.23 18.51
C LYS A 33 -2.03 -12.30 18.85
N LEU A 34 -0.78 -11.91 18.78
CA LEU A 34 0.28 -12.89 18.97
C LEU A 34 0.29 -13.41 20.42
N SER A 35 -0.09 -12.55 21.37
CA SER A 35 -0.14 -12.97 22.76
C SER A 35 -1.12 -14.11 22.98
N ASN A 36 -2.04 -14.33 22.06
CA ASN A 36 -2.96 -15.51 22.04
C ASN A 36 -2.45 -16.76 21.35
N ILE A 37 -1.22 -16.71 20.79
CA ILE A 37 -0.66 -17.84 20.05
C ILE A 37 0.49 -18.46 20.91
N LYS A 38 0.49 -19.79 20.97
CA LYS A 38 1.58 -20.57 21.57
C LYS A 38 2.00 -21.66 20.59
N ILE A 39 3.28 -22.05 20.65
CA ILE A 39 3.81 -23.09 19.80
C ILE A 39 4.56 -24.09 20.68
N ARG A 40 4.45 -25.39 20.36
CA ARG A 40 5.20 -26.40 21.09
C ARG A 40 6.10 -27.24 20.16
N TYR A 41 7.27 -27.51 20.71
CA TYR A 41 8.27 -28.41 20.12
C TYR A 41 8.69 -29.48 21.18
N TYR A 42 8.50 -30.74 20.78
CA TYR A 42 8.56 -31.89 21.72
C TYR A 42 9.83 -32.72 21.53
N TYR A 43 10.48 -33.11 22.64
CA TYR A 43 11.79 -33.75 22.58
C TYR A 43 11.96 -34.54 23.86
N THR A 44 13.00 -35.36 23.86
CA THR A 44 13.37 -36.13 25.04
C THR A 44 14.60 -35.48 25.73
N LYS A 45 14.46 -35.38 27.05
CA LYS A 45 15.50 -34.85 27.88
C LYS A 45 15.82 -35.95 28.93
N GLU A 46 17.12 -36.09 29.25
CA GLU A 46 17.69 -37.14 30.14
C GLU A 46 17.74 -36.74 31.59
N GLY A 47 18.23 -35.53 31.79
CA GLY A 47 18.66 -35.11 33.12
C GLY A 47 17.82 -33.99 33.70
N ASN A 48 18.13 -33.59 34.93
CA ASN A 48 17.30 -32.63 35.63
C ASN A 48 17.68 -31.12 35.48
N ALA A 49 18.78 -30.80 34.82
CA ALA A 49 19.16 -29.38 34.66
C ALA A 49 18.16 -28.60 33.78
N SER A 50 17.86 -27.36 34.16
CA SER A 50 16.99 -26.48 33.41
C SER A 50 17.56 -26.17 32.03
N GLU A 51 16.68 -26.21 31.04
CA GLU A 51 17.05 -25.78 29.69
C GLU A 51 17.29 -24.24 29.62
N THR A 52 17.98 -23.84 28.56
CA THR A 52 18.22 -22.41 28.21
C THR A 52 17.57 -22.08 26.88
N PHE A 53 16.75 -21.04 26.85
CA PHE A 53 16.12 -20.62 25.59
C PHE A 53 16.66 -19.26 25.10
N TRP A 54 16.82 -19.12 23.81
CA TRP A 54 17.06 -17.82 23.20
C TRP A 54 16.30 -17.63 21.88
N CYS A 55 16.15 -16.35 21.51
CA CYS A 55 15.52 -16.00 20.23
C CYS A 55 16.53 -15.28 19.33
N ASP A 56 16.88 -15.89 18.20
CA ASP A 56 17.82 -15.27 17.29
C ASP A 56 17.17 -14.28 16.36
N TYR A 57 15.92 -14.47 16.02
CA TYR A 57 15.25 -13.51 15.13
C TYR A 57 13.73 -13.62 15.23
N PHE A 58 13.03 -12.49 15.24
CA PHE A 58 11.58 -12.49 15.18
C PHE A 58 11.16 -11.17 14.53
N THR A 59 10.23 -11.29 13.55
CA THR A 59 9.66 -10.16 12.81
C THR A 59 9.23 -9.05 13.69
N LYS A 60 8.66 -9.38 14.85
CA LYS A 60 8.14 -8.37 15.78
C LYS A 60 9.02 -8.06 16.97
N GLY A 61 10.31 -8.45 16.92
CA GLY A 61 11.28 -8.12 17.98
C GLY A 61 11.57 -9.34 18.85
N SER A 62 12.82 -9.77 18.88
CA SER A 62 13.20 -10.98 19.71
C SER A 62 12.86 -10.86 21.19
N SER A 63 12.85 -9.63 21.70
CA SER A 63 12.49 -9.38 23.12
C SER A 63 11.03 -9.61 23.43
N ASN A 64 10.21 -9.87 22.41
CA ASN A 64 8.77 -10.06 22.57
C ASN A 64 8.40 -11.54 22.46
N VAL A 65 9.44 -12.40 22.39
CA VAL A 65 9.25 -13.85 22.28
C VAL A 65 9.62 -14.41 23.66
N ILE A 66 8.82 -15.33 24.17
CA ILE A 66 8.99 -15.92 25.51
C ILE A 66 9.09 -17.44 25.36
N GLY A 67 10.13 -18.03 25.94
CA GLY A 67 10.34 -19.47 25.87
C GLY A 67 10.16 -20.09 27.23
N SER A 68 9.35 -21.15 27.28
CA SER A 68 9.14 -21.88 28.56
C SER A 68 9.31 -23.37 28.31
N PHE A 69 9.63 -24.10 29.37
CA PHE A 69 9.81 -25.51 29.28
C PHE A 69 8.90 -26.25 30.23
N ALA A 70 8.38 -27.37 29.75
CA ALA A 70 7.47 -28.23 30.50
C ALA A 70 7.63 -29.74 30.22
N LYS A 71 6.98 -30.55 31.07
CA LYS A 71 7.09 -32.00 30.93
C LYS A 71 5.83 -32.59 30.47
N LEU A 72 5.93 -33.69 29.74
CA LEU A 72 4.74 -34.43 29.29
C LEU A 72 4.20 -35.48 30.30
N ASN A 73 5.07 -35.96 31.18
CA ASN A 73 4.62 -36.73 32.34
C ASN A 73 3.86 -37.99 31.89
N ASN A 74 4.35 -38.59 30.81
CA ASN A 74 3.67 -39.66 30.07
C ASN A 74 4.49 -40.94 29.81
N ASP A 75 5.77 -40.89 30.14
CA ASP A 75 6.70 -42.02 30.04
C ASP A 75 6.72 -42.63 28.62
N LYS A 76 6.72 -41.80 27.58
CA LYS A 76 6.85 -42.30 26.21
C LYS A 76 8.24 -41.98 25.65
N ASN A 77 8.66 -42.74 24.67
CA ASN A 77 10.04 -42.62 24.23
C ASN A 77 10.26 -41.58 23.10
N ASN A 78 9.21 -41.11 22.45
CA ASN A 78 9.38 -40.07 21.41
C ASN A 78 9.59 -38.67 21.96
N ALA A 79 9.14 -38.43 23.18
CA ALA A 79 9.34 -37.11 23.83
C ALA A 79 8.91 -37.24 25.28
N ASN A 80 9.61 -36.53 26.12
CA ASN A 80 9.10 -36.33 27.52
C ASN A 80 8.99 -34.91 27.99
N SER A 81 9.33 -33.97 27.09
CA SER A 81 9.46 -32.57 27.42
C SER A 81 9.00 -31.74 26.23
N TYR A 82 8.66 -30.47 26.45
CA TYR A 82 8.45 -29.56 25.34
C TYR A 82 8.89 -28.15 25.70
N LEU A 83 9.29 -27.48 24.62
CA LEU A 83 9.47 -26.05 24.60
C LEU A 83 8.11 -25.47 24.23
N GLU A 84 7.64 -24.49 25.00
CA GLU A 84 6.43 -23.75 24.62
C GLU A 84 6.82 -22.27 24.36
N ILE A 85 6.52 -21.79 23.16
CA ILE A 85 6.83 -20.43 22.78
C ILE A 85 5.60 -19.59 22.79
N SER A 86 5.72 -18.48 23.53
CA SER A 86 4.62 -17.54 23.66
C SER A 86 5.11 -16.14 23.36
N PHE A 87 4.19 -15.16 23.36
CA PHE A 87 4.48 -13.80 22.84
C PHE A 87 3.86 -12.74 23.73
N SER A 88 4.56 -11.62 23.86
CA SER A 88 4.13 -10.51 24.69
C SER A 88 3.09 -9.66 23.97
N ASP A 89 2.41 -8.83 24.77
N ASP A 89 2.39 -8.84 24.75
CA ASP A 89 1.47 -7.84 24.26
CA ASP A 89 1.46 -7.87 24.16
C ASP A 89 2.12 -6.99 23.19
C ASP A 89 2.12 -7.01 23.15
N ALA A 90 3.37 -6.58 23.42
CA ALA A 90 4.09 -5.72 22.52
C ALA A 90 4.44 -6.34 21.15
N ALA A 91 4.32 -7.67 21.04
CA ALA A 91 4.43 -8.37 19.74
C ALA A 91 3.34 -8.00 18.72
N GLY A 92 2.23 -7.42 19.20
CA GLY A 92 1.16 -6.96 18.29
C GLY A 92 0.43 -8.13 17.66
N GLU A 93 0.05 -7.95 16.40
CA GLU A 93 -0.92 -8.80 15.76
C GLU A 93 -0.33 -9.31 14.47
N ILE A 94 -0.89 -10.39 13.92
CA ILE A 94 -0.55 -10.83 12.60
C ILE A 94 -1.83 -10.55 11.85
N GLY A 95 -1.78 -9.59 10.94
CA GLY A 95 -2.94 -9.30 10.13
C GLY A 95 -3.31 -10.46 9.21
N ALA A 96 -4.56 -10.46 8.79
CA ALA A 96 -5.06 -11.35 7.81
C ALA A 96 -4.14 -11.38 6.58
N GLY A 97 -3.74 -12.58 6.15
CA GLY A 97 -2.76 -12.74 5.03
C GLY A 97 -1.32 -12.29 5.32
N GLU A 98 -0.98 -11.89 6.55
CA GLU A 98 0.42 -11.69 6.90
C GLU A 98 1.02 -12.95 7.63
N SER A 99 2.32 -12.89 7.84
CA SER A 99 3.02 -13.96 8.52
C SER A 99 4.15 -13.33 9.33
N VAL A 100 4.71 -14.08 10.27
CA VAL A 100 5.90 -13.69 10.96
C VAL A 100 6.86 -14.89 10.92
N GLU A 101 8.15 -14.59 11.00
CA GLU A 101 9.24 -15.57 11.02
C GLU A 101 9.93 -15.49 12.38
N LEU A 102 10.27 -16.66 12.95
CA LEU A 102 10.81 -16.82 14.28
C LEU A 102 11.93 -17.86 14.24
N SER A 103 13.12 -17.49 14.65
CA SER A 103 14.27 -18.39 14.67
C SER A 103 14.73 -18.41 16.12
N VAL A 104 14.61 -19.60 16.76
CA VAL A 104 14.95 -19.73 18.16
C VAL A 104 16.00 -20.82 18.33
N GLY A 105 16.40 -21.01 19.57
CA GLY A 105 17.29 -22.11 19.92
C GLY A 105 17.14 -22.45 21.38
N PHE A 106 17.54 -23.66 21.77
CA PHE A 106 17.59 -23.98 23.17
C PHE A 106 18.66 -25.01 23.43
N ALA A 107 19.16 -25.03 24.67
CA ALA A 107 20.12 -26.06 25.08
C ALA A 107 19.35 -26.92 26.06
N LYS A 108 19.42 -28.24 25.88
CA LYS A 108 18.82 -29.12 26.86
C LYS A 108 19.56 -29.14 28.22
N ASN A 109 20.88 -28.86 28.20
CA ASN A 109 21.77 -28.95 29.34
C ASN A 109 21.82 -30.38 29.91
N ASP A 110 21.75 -31.35 28.99
CA ASP A 110 22.07 -32.73 29.26
C ASP A 110 23.52 -33.11 28.90
N TRP A 111 24.03 -32.64 27.77
CA TRP A 111 25.34 -32.99 27.24
C TRP A 111 25.51 -34.52 27.11
N SER A 112 24.42 -35.17 26.68
CA SER A 112 24.28 -36.64 26.74
C SER A 112 24.63 -37.37 25.40
N GLN A 113 24.72 -36.65 24.27
CA GLN A 113 24.82 -37.25 22.92
C GLN A 113 23.62 -38.12 22.50
N TYR A 114 22.47 -37.83 23.07
CA TYR A 114 21.23 -38.46 22.67
C TYR A 114 20.97 -38.30 21.17
N ASN A 115 20.30 -39.30 20.61
CA ASN A 115 19.94 -39.24 19.18
C ASN A 115 18.66 -38.47 19.00
N GLN A 116 18.78 -37.21 18.56
CA GLN A 116 17.56 -36.39 18.38
C GLN A 116 16.60 -36.90 17.28
N LYS A 117 17.06 -37.80 16.40
CA LYS A 117 16.15 -38.46 15.48
C LYS A 117 15.03 -39.20 16.15
N ASN A 118 15.22 -39.61 17.41
CA ASN A 118 14.15 -40.16 18.21
C ASN A 118 13.10 -39.14 18.70
N ASP A 119 13.36 -37.85 18.55
CA ASP A 119 12.45 -36.81 19.03
C ASP A 119 11.27 -36.64 18.12
N TYR A 120 10.09 -36.63 18.71
CA TYR A 120 8.84 -36.43 18.00
C TYR A 120 8.89 -35.23 17.00
N SER A 121 9.37 -34.06 17.45
CA SER A 121 9.35 -32.89 16.59
C SER A 121 10.59 -32.73 15.68
N TYR A 122 11.61 -33.59 15.78
CA TYR A 122 12.80 -33.48 14.93
C TYR A 122 12.48 -33.68 13.47
N SER A 123 12.94 -32.76 12.64
CA SER A 123 13.02 -32.92 11.18
C SER A 123 14.31 -32.36 10.68
N SER A 124 14.91 -33.03 9.68
CA SER A 124 16.13 -32.53 9.08
C SER A 124 15.88 -31.49 7.96
N SER A 125 14.62 -31.15 7.70
CA SER A 125 14.32 -30.21 6.61
C SER A 125 15.01 -28.88 6.77
N THR A 126 15.63 -28.37 5.69
CA THR A 126 16.18 -27.00 5.68
C THR A 126 15.31 -26.03 4.84
N THR A 127 14.14 -26.54 4.48
CA THR A 127 13.05 -25.77 3.83
C THR A 127 11.87 -25.72 4.80
N TYR A 128 11.37 -24.48 5.02
CA TYR A 128 10.13 -24.33 5.79
C TYR A 128 9.04 -25.20 5.21
N PHE A 129 8.42 -26.07 5.99
CA PHE A 129 7.36 -26.91 5.49
C PHE A 129 6.18 -27.10 6.45
N SER A 130 5.11 -27.76 5.98
CA SER A 130 3.97 -27.97 6.82
C SER A 130 4.19 -29.26 7.62
N TRP A 131 4.81 -29.09 8.79
CA TRP A 131 5.25 -30.23 9.64
C TRP A 131 4.27 -30.43 10.80
N ASN A 132 3.57 -31.54 10.82
CA ASN A 132 2.47 -31.67 11.73
C ASN A 132 2.87 -32.20 13.16
N LYS A 133 4.18 -32.32 13.43
CA LYS A 133 4.71 -32.80 14.72
C LYS A 133 5.22 -31.68 15.59
N VAL A 134 4.93 -30.44 15.16
CA VAL A 134 4.97 -29.28 16.05
C VAL A 134 3.56 -28.71 16.10
N THR A 135 3.19 -28.11 17.21
CA THR A 135 1.81 -27.66 17.40
C THR A 135 1.61 -26.18 17.69
N LEU A 136 0.44 -25.64 17.29
CA LEU A 136 0.13 -24.23 17.44
C LEU A 136 -1.28 -24.14 18.05
N TYR A 137 -1.39 -23.31 19.09
CA TYR A 137 -2.65 -23.08 19.82
C TYR A 137 -3.07 -21.62 19.64
N VAL A 138 -4.39 -21.38 19.50
CA VAL A 138 -4.91 -20.01 19.59
C VAL A 138 -5.89 -19.93 20.80
N SER A 139 -5.63 -19.00 21.71
CA SER A 139 -6.40 -18.84 22.97
C SER A 139 -6.52 -20.15 23.70
N GLY A 140 -5.43 -20.91 23.65
CA GLY A 140 -5.32 -22.18 24.34
C GLY A 140 -5.90 -23.39 23.64
N LYS A 141 -6.50 -23.21 22.47
CA LYS A 141 -7.08 -24.30 21.71
C LYS A 141 -6.15 -24.75 20.56
N LEU A 142 -5.99 -26.06 20.39
CA LEU A 142 -5.11 -26.58 19.34
C LEU A 142 -5.71 -26.31 17.98
N VAL A 143 -4.98 -25.62 17.10
CA VAL A 143 -5.49 -25.35 15.75
C VAL A 143 -4.60 -25.92 14.65
N PHE A 144 -3.37 -26.33 14.97
CA PHE A 144 -2.43 -26.88 13.97
C PHE A 144 -1.55 -27.92 14.66
N GLY A 145 -1.47 -29.06 13.98
CA GLY A 145 -0.60 -30.17 14.29
C GLY A 145 -1.21 -31.24 15.15
N LYS A 146 -0.41 -32.29 15.37
CA LYS A 146 -0.79 -33.42 16.18
C LYS A 146 0.07 -33.51 17.44
N GLU A 147 -0.61 -33.51 18.57
CA GLU A 147 0.04 -33.72 19.87
C GLU A 147 0.50 -35.16 19.98
N PRO A 148 1.65 -35.39 20.64
CA PRO A 148 2.15 -36.73 20.86
C PRO A 148 1.34 -37.49 21.91
N LYS B 1 7.83 -32.27 -24.13
CA LYS B 1 8.84 -32.55 -23.10
C LYS B 1 8.24 -32.25 -21.70
N ILE B 2 8.70 -31.18 -21.03
CA ILE B 2 8.24 -30.92 -19.66
C ILE B 2 7.32 -29.70 -19.68
N GLU B 3 6.13 -29.86 -19.09
CA GLU B 3 5.09 -28.83 -19.11
C GLU B 3 4.75 -28.45 -17.70
N LEU B 4 4.32 -27.20 -17.49
CA LEU B 4 3.97 -26.69 -16.17
C LEU B 4 2.50 -26.24 -16.12
N LYS B 5 1.80 -26.59 -15.05
CA LYS B 5 0.44 -26.08 -14.77
C LYS B 5 0.49 -25.27 -13.50
N TYR B 6 -0.41 -24.27 -13.39
CA TYR B 6 -0.50 -23.41 -12.27
C TYR B 6 -1.95 -23.32 -11.80
N LYS B 7 -2.11 -23.20 -10.51
CA LYS B 7 -3.34 -22.58 -9.94
C LYS B 7 -3.02 -21.80 -8.71
N ASN B 8 -4.01 -21.00 -8.29
CA ASN B 8 -3.81 -20.11 -7.13
C ASN B 8 -4.36 -20.72 -5.88
N GLY B 9 -3.54 -20.85 -4.84
CA GLY B 9 -3.98 -21.37 -3.57
C GLY B 9 -4.78 -20.43 -2.66
N ARG B 10 -4.81 -19.14 -2.98
CA ARG B 10 -5.55 -18.18 -2.20
C ARG B 10 -5.57 -16.85 -3.00
N THR B 11 -6.67 -16.61 -3.68
CA THR B 11 -6.70 -15.57 -4.67
C THR B 11 -6.69 -14.11 -4.15
N ASN B 12 -6.94 -13.77 -2.85
CA ASN B 12 -6.96 -12.29 -2.49
C ASN B 12 -5.75 -11.57 -3.03
N VAL B 13 -5.97 -10.36 -3.52
CA VAL B 13 -4.92 -9.72 -4.26
C VAL B 13 -4.14 -8.72 -3.47
N ASN B 14 -4.56 -8.37 -2.25
CA ASN B 14 -3.81 -7.38 -1.49
C ASN B 14 -2.97 -7.93 -0.35
N THR B 15 -3.00 -9.27 -0.19
CA THR B 15 -2.33 -9.84 0.99
C THR B 15 -0.80 -9.71 0.76
N ASP B 16 -0.02 -9.86 1.82
CA ASP B 16 1.41 -9.96 1.74
C ASP B 16 1.94 -11.32 1.30
N THR B 17 1.13 -12.35 1.51
CA THR B 17 1.44 -13.70 1.15
C THR B 17 0.80 -14.07 -0.17
N ILE B 18 1.46 -15.00 -0.85
CA ILE B 18 1.15 -15.43 -2.19
C ILE B 18 1.25 -16.96 -2.18
N TYR B 19 0.32 -17.65 -2.84
CA TYR B 19 0.27 -19.13 -2.72
C TYR B 19 0.25 -19.84 -4.09
N PRO B 20 1.39 -19.83 -4.77
CA PRO B 20 1.45 -20.46 -6.05
C PRO B 20 1.37 -21.99 -5.93
N MET B 21 0.56 -22.60 -6.79
CA MET B 21 0.51 -24.09 -6.84
C MET B 21 0.82 -24.58 -8.20
N PHE B 22 1.70 -25.60 -8.29
CA PHE B 22 2.09 -26.15 -9.59
C PHE B 22 1.91 -27.64 -9.75
N THR B 23 1.66 -28.06 -11.01
CA THR B 23 1.86 -29.46 -11.44
C THR B 23 2.91 -29.46 -12.53
N ILE B 24 3.98 -30.28 -12.39
CA ILE B 24 5.02 -30.44 -13.38
C ILE B 24 4.74 -31.79 -14.08
N VAL B 25 4.57 -31.74 -15.38
CA VAL B 25 4.17 -32.90 -16.13
C VAL B 25 5.27 -33.31 -17.13
N ASN B 26 5.71 -34.57 -17.07
CA ASN B 26 6.69 -35.09 -18.06
C ASN B 26 5.85 -35.70 -19.19
N LYS B 27 5.71 -34.94 -20.27
CA LYS B 27 4.93 -35.35 -21.44
C LYS B 27 5.82 -35.94 -22.59
N GLY B 28 7.08 -36.23 -22.36
CA GLY B 28 7.95 -36.90 -23.34
C GLY B 28 8.31 -38.31 -22.95
N ASN B 29 9.36 -38.84 -23.58
CA ASN B 29 9.79 -40.24 -23.46
C ASN B 29 10.96 -40.49 -22.57
N GLN B 30 11.57 -39.42 -22.10
CA GLN B 30 12.76 -39.48 -21.25
C GLN B 30 12.42 -39.08 -19.82
N LYS B 31 13.02 -39.73 -18.86
CA LYS B 31 12.97 -39.20 -17.52
C LYS B 31 13.77 -37.88 -17.39
N VAL B 32 13.36 -37.04 -16.44
CA VAL B 32 14.11 -35.83 -16.14
C VAL B 32 14.36 -35.81 -14.65
N LYS B 33 15.57 -35.40 -14.29
CA LYS B 33 16.00 -35.29 -12.89
C LYS B 33 15.45 -33.96 -12.32
N LEU B 34 14.82 -34.03 -11.16
CA LEU B 34 14.16 -32.81 -10.63
C LEU B 34 15.20 -31.72 -10.33
N SER B 35 16.43 -32.13 -9.98
CA SER B 35 17.47 -31.14 -9.66
C SER B 35 17.84 -30.28 -10.90
N ASN B 36 17.54 -30.76 -12.10
CA ASN B 36 17.73 -29.99 -13.35
C ASN B 36 16.56 -29.07 -13.75
N ILE B 37 15.47 -29.08 -12.96
CA ILE B 37 14.29 -28.27 -13.22
C ILE B 37 14.22 -27.04 -12.31
N LYS B 38 13.86 -25.88 -12.89
CA LYS B 38 13.65 -24.64 -12.08
C LYS B 38 12.34 -24.02 -12.55
N ILE B 39 11.63 -23.36 -11.64
CA ILE B 39 10.38 -22.69 -11.96
C ILE B 39 10.46 -21.26 -11.49
N ARG B 40 9.94 -20.31 -12.29
CA ARG B 40 9.84 -18.96 -11.80
C ARG B 40 8.48 -18.39 -11.77
N TYR B 41 8.21 -17.62 -10.71
CA TYR B 41 6.95 -16.88 -10.49
C TYR B 41 7.34 -15.39 -10.31
N TYR B 42 6.82 -14.53 -11.20
CA TYR B 42 7.25 -13.10 -11.26
C TYR B 42 6.22 -12.14 -10.64
N TYR B 43 6.73 -11.18 -9.86
CA TYR B 43 5.88 -10.27 -9.08
C TYR B 43 6.63 -8.99 -8.77
N THR B 44 5.89 -8.03 -8.24
CA THR B 44 6.45 -6.75 -7.80
C THR B 44 6.54 -6.68 -6.26
N LYS B 45 7.71 -6.30 -5.76
CA LYS B 45 7.99 -6.06 -4.35
C LYS B 45 8.17 -4.58 -4.18
N GLU B 46 7.75 -3.98 -3.08
CA GLU B 46 8.08 -2.53 -2.96
C GLU B 46 8.90 -2.09 -1.76
N GLY B 47 9.36 -3.04 -0.94
CA GLY B 47 10.14 -2.72 0.28
C GLY B 47 11.36 -3.58 0.25
N ASN B 48 12.20 -3.49 1.27
CA ASN B 48 13.48 -4.19 1.21
C ASN B 48 13.71 -5.45 2.02
N ALA B 49 12.73 -5.85 2.80
CA ALA B 49 12.86 -7.04 3.63
C ALA B 49 12.97 -8.30 2.74
N SER B 50 13.74 -9.26 3.18
CA SER B 50 13.88 -10.52 2.45
C SER B 50 12.59 -11.33 2.65
N GLU B 51 12.15 -11.98 1.58
CA GLU B 51 10.93 -12.82 1.55
C GLU B 51 11.11 -14.10 2.41
N THR B 52 10.01 -14.74 2.78
CA THR B 52 9.98 -16.03 3.47
C THR B 52 9.34 -17.02 2.48
N PHE B 53 9.99 -18.14 2.24
CA PHE B 53 9.44 -19.25 1.40
C PHE B 53 9.09 -20.47 2.23
N TRP B 54 7.94 -21.09 1.93
CA TRP B 54 7.64 -22.42 2.48
C TRP B 54 7.06 -23.35 1.43
N CYS B 55 7.10 -24.66 1.71
CA CYS B 55 6.50 -25.68 0.84
C CYS B 55 5.47 -26.40 1.65
N ASP B 56 4.18 -26.27 1.25
CA ASP B 56 3.13 -27.01 1.90
C ASP B 56 2.94 -28.48 1.48
N TYR B 57 3.27 -28.81 0.25
CA TYR B 57 3.06 -30.19 -0.25
C TYR B 57 4.00 -30.37 -1.44
N PHE B 58 4.66 -31.52 -1.46
CA PHE B 58 5.39 -31.97 -2.69
C PHE B 58 5.34 -33.50 -2.79
N THR B 59 5.03 -33.99 -4.01
CA THR B 59 5.02 -35.44 -4.27
C THR B 59 6.30 -36.14 -3.81
N LYS B 60 7.47 -35.52 -3.98
CA LYS B 60 8.76 -36.09 -3.61
C LYS B 60 9.34 -35.60 -2.30
N GLY B 61 8.51 -34.96 -1.46
CA GLY B 61 8.83 -34.61 -0.08
C GLY B 61 9.12 -33.09 -0.01
N SER B 62 8.36 -32.36 0.79
CA SER B 62 8.55 -30.88 0.92
C SER B 62 10.00 -30.45 1.23
N SER B 63 10.78 -31.28 1.91
CA SER B 63 12.14 -30.93 2.31
C SER B 63 13.11 -30.94 1.14
N ASN B 64 12.65 -31.45 -0.01
CA ASN B 64 13.46 -31.52 -1.23
C ASN B 64 13.11 -30.36 -2.20
N VAL B 65 12.32 -29.38 -1.74
CA VAL B 65 12.01 -28.21 -2.54
C VAL B 65 12.77 -27.02 -1.95
N ILE B 66 13.36 -26.23 -2.83
CA ILE B 66 14.19 -25.09 -2.47
C ILE B 66 13.61 -23.82 -3.09
N GLY B 67 13.42 -22.78 -2.26
CA GLY B 67 12.88 -21.50 -2.76
C GLY B 67 13.91 -20.38 -2.62
N SER B 68 14.17 -19.63 -3.70
CA SER B 68 15.16 -18.53 -3.71
C SER B 68 14.46 -17.32 -4.34
N PHE B 69 14.94 -16.11 -4.01
CA PHE B 69 14.33 -14.88 -4.48
C PHE B 69 15.42 -14.02 -5.12
N ALA B 70 15.07 -13.39 -6.22
CA ALA B 70 16.02 -12.52 -6.96
C ALA B 70 15.30 -11.29 -7.48
N LYS B 71 16.06 -10.21 -7.71
CA LYS B 71 15.53 -9.05 -8.46
C LYS B 71 15.51 -9.33 -9.95
N LEU B 72 14.51 -8.79 -10.62
CA LEU B 72 14.32 -8.89 -12.05
C LEU B 72 14.81 -7.59 -12.66
N ASN B 73 15.83 -7.68 -13.50
CA ASN B 73 16.31 -6.52 -14.24
C ASN B 73 15.41 -6.21 -15.36
N ASN B 74 15.53 -4.98 -15.85
CA ASN B 74 14.53 -4.40 -16.73
C ASN B 74 13.33 -3.92 -15.87
N ASP B 75 12.65 -2.92 -16.41
CA ASP B 75 12.00 -1.85 -15.71
C ASP B 75 10.51 -1.92 -16.06
N LYS B 76 9.86 -3.08 -15.93
CA LYS B 76 8.42 -3.11 -16.26
C LYS B 76 7.46 -3.02 -15.05
N ASN B 77 6.29 -2.48 -15.33
CA ASN B 77 5.29 -2.29 -14.32
C ASN B 77 4.89 -3.65 -13.68
N ASN B 78 4.98 -4.74 -14.43
CA ASN B 78 4.38 -6.04 -14.04
C ASN B 78 5.24 -6.92 -13.12
N ALA B 79 6.54 -6.60 -12.98
CA ALA B 79 7.40 -7.39 -12.14
C ALA B 79 8.75 -6.78 -11.93
N ASN B 80 9.22 -6.85 -10.70
CA ASN B 80 10.63 -6.51 -10.44
C ASN B 80 11.34 -7.53 -9.62
N SER B 81 10.71 -8.71 -9.47
CA SER B 81 11.27 -9.79 -8.63
C SER B 81 10.74 -11.13 -9.10
N TYR B 82 11.49 -12.20 -8.75
CA TYR B 82 10.90 -13.51 -8.91
C TYR B 82 11.27 -14.48 -7.80
N LEU B 83 10.35 -15.40 -7.56
CA LEU B 83 10.62 -16.61 -6.80
C LEU B 83 11.17 -17.61 -7.80
N GLU B 84 12.29 -18.26 -7.46
CA GLU B 84 12.76 -19.38 -8.25
C GLU B 84 12.76 -20.62 -7.39
N ILE B 85 12.00 -21.62 -7.84
CA ILE B 85 11.94 -22.90 -7.16
C ILE B 85 12.85 -23.94 -7.83
N SER B 86 13.58 -24.67 -7.00
CA SER B 86 14.62 -25.67 -7.41
C SER B 86 14.46 -26.86 -6.49
N PHE B 87 15.15 -27.95 -6.81
CA PHE B 87 14.94 -29.21 -6.12
C PHE B 87 16.28 -29.88 -5.80
N SER B 88 16.31 -30.63 -4.70
CA SER B 88 17.52 -31.35 -4.28
C SER B 88 17.72 -32.61 -5.15
N ASP B 89 18.94 -33.15 -5.15
CA ASP B 89 19.21 -34.50 -5.68
C ASP B 89 18.21 -35.52 -5.10
N ALA B 90 17.92 -35.45 -3.80
CA ALA B 90 17.00 -36.45 -3.23
C ALA B 90 15.55 -36.37 -3.72
N ALA B 91 15.18 -35.32 -4.45
CA ALA B 91 13.81 -35.25 -4.97
C ALA B 91 13.68 -36.30 -6.10
N GLY B 92 14.83 -36.80 -6.62
CA GLY B 92 14.78 -37.84 -7.64
C GLY B 92 14.37 -37.29 -8.99
N GLU B 93 13.57 -38.09 -9.70
CA GLU B 93 13.24 -37.89 -11.09
C GLU B 93 11.73 -37.91 -11.39
N ILE B 94 11.34 -37.34 -12.54
CA ILE B 94 9.96 -37.49 -13.03
C ILE B 94 10.06 -38.41 -14.22
N GLY B 95 9.43 -39.57 -14.12
CA GLY B 95 9.46 -40.51 -15.26
C GLY B 95 8.68 -40.00 -16.45
N ALA B 96 8.94 -40.58 -17.59
CA ALA B 96 8.17 -40.36 -18.78
C ALA B 96 6.74 -40.62 -18.40
N GLY B 97 5.86 -39.73 -18.81
CA GLY B 97 4.48 -39.86 -18.50
C GLY B 97 4.03 -39.70 -17.07
N GLU B 98 4.89 -39.22 -16.17
CA GLU B 98 4.52 -39.00 -14.78
C GLU B 98 4.45 -37.47 -14.51
N SER B 99 4.04 -37.16 -13.29
CA SER B 99 3.91 -35.77 -12.84
C SER B 99 4.17 -35.68 -11.37
N VAL B 100 4.45 -34.47 -10.88
CA VAL B 100 4.49 -34.14 -9.49
C VAL B 100 3.65 -32.87 -9.28
N GLU B 101 3.11 -32.78 -8.07
CA GLU B 101 2.32 -31.69 -7.59
C GLU B 101 3.14 -30.95 -6.47
N LEU B 102 3.09 -29.63 -6.52
CA LEU B 102 3.85 -28.76 -5.68
C LEU B 102 2.96 -27.63 -5.23
N SER B 103 2.79 -27.49 -3.91
CA SER B 103 2.04 -26.39 -3.33
C SER B 103 3.01 -25.60 -2.43
N VAL B 104 3.27 -24.35 -2.79
CA VAL B 104 4.22 -23.47 -2.03
C VAL B 104 3.53 -22.18 -1.60
N GLY B 105 4.27 -21.36 -0.85
CA GLY B 105 3.76 -20.08 -0.42
C GLY B 105 4.94 -19.25 -0.10
N PHE B 106 4.77 -17.93 -0.18
CA PHE B 106 5.80 -17.01 0.24
C PHE B 106 5.22 -15.69 0.77
N ALA B 107 5.96 -15.07 1.69
CA ALA B 107 5.62 -13.77 2.25
C ALA B 107 6.57 -12.78 1.64
N LYS B 108 6.04 -11.69 1.04
CA LYS B 108 6.93 -10.62 0.51
C LYS B 108 7.61 -9.82 1.63
N ASN B 109 6.99 -9.83 2.81
CA ASN B 109 7.41 -9.04 3.97
C ASN B 109 7.48 -7.55 3.69
N ASP B 110 6.55 -7.08 2.85
CA ASP B 110 6.32 -5.64 2.60
C ASP B 110 5.16 -5.09 3.45
N TRP B 111 4.10 -5.88 3.61
CA TRP B 111 2.91 -5.49 4.38
C TRP B 111 2.34 -4.16 3.88
N SER B 112 2.30 -4.01 2.58
CA SER B 112 2.01 -2.70 1.96
C SER B 112 0.75 -2.66 1.13
N GLN B 113 0.01 -3.76 1.09
CA GLN B 113 -1.25 -3.88 0.34
C GLN B 113 -1.17 -3.58 -1.17
N TYR B 114 -0.03 -3.88 -1.78
CA TYR B 114 0.10 -3.77 -3.25
C TYR B 114 -0.97 -4.62 -3.94
N ASN B 115 -1.39 -4.20 -5.13
CA ASN B 115 -2.37 -4.90 -5.89
C ASN B 115 -1.69 -5.99 -6.78
N GLN B 116 -1.83 -7.26 -6.35
CA GLN B 116 -1.25 -8.38 -7.08
C GLN B 116 -1.88 -8.62 -8.42
N LYS B 117 -3.06 -8.07 -8.69
CA LYS B 117 -3.57 -8.13 -10.06
C LYS B 117 -2.57 -7.56 -11.07
N ASN B 118 -1.73 -6.62 -10.64
CA ASN B 118 -0.68 -6.09 -11.53
C ASN B 118 0.56 -7.00 -11.77
N ASP B 119 0.70 -8.08 -10.95
CA ASP B 119 1.82 -9.03 -11.08
C ASP B 119 1.74 -9.87 -12.35
N TYR B 120 2.86 -9.94 -13.07
CA TYR B 120 2.90 -10.71 -14.32
C TYR B 120 2.38 -12.14 -14.14
N SER B 121 2.81 -12.81 -13.07
CA SER B 121 2.40 -14.23 -12.89
C SER B 121 1.05 -14.46 -12.18
N TYR B 122 0.40 -13.44 -11.66
CA TYR B 122 -0.90 -13.61 -10.94
C TYR B 122 -2.00 -14.12 -11.84
N SER B 123 -2.67 -15.18 -11.41
CA SER B 123 -3.92 -15.63 -11.99
C SER B 123 -4.87 -16.00 -10.84
N SER B 124 -6.16 -15.73 -11.01
CA SER B 124 -7.12 -16.07 -9.97
C SER B 124 -7.66 -17.50 -10.18
N SER B 125 -7.19 -18.23 -11.18
CA SER B 125 -7.71 -19.57 -11.43
C SER B 125 -7.55 -20.52 -10.24
N THR B 126 -8.62 -21.27 -9.91
CA THR B 126 -8.54 -22.30 -8.91
C THR B 126 -8.51 -23.74 -9.52
N THR B 127 -8.38 -23.78 -10.85
CA THR B 127 -8.09 -24.98 -11.66
C THR B 127 -6.67 -24.92 -12.25
N TYR B 128 -5.86 -25.97 -11.99
CA TYR B 128 -4.57 -26.05 -12.67
C TYR B 128 -4.77 -25.85 -14.18
N PHE B 129 -3.98 -24.96 -14.75
CA PHE B 129 -4.07 -24.74 -16.17
C PHE B 129 -2.75 -24.40 -16.78
N SER B 130 -2.70 -24.45 -18.11
CA SER B 130 -1.46 -24.18 -18.81
C SER B 130 -1.30 -22.65 -18.91
N TRP B 131 -0.62 -22.10 -17.91
CA TRP B 131 -0.50 -20.69 -17.72
C TRP B 131 0.88 -20.23 -18.15
N ASN B 132 0.95 -19.42 -19.18
CA ASN B 132 2.28 -19.16 -19.76
C ASN B 132 3.06 -17.99 -19.16
N LYS B 133 2.54 -17.42 -18.10
CA LYS B 133 3.26 -16.35 -17.39
C LYS B 133 4.03 -16.85 -16.19
N VAL B 134 4.13 -18.17 -16.02
CA VAL B 134 5.10 -18.78 -15.14
C VAL B 134 6.03 -19.59 -16.07
N THR B 135 7.29 -19.71 -15.65
CA THR B 135 8.29 -20.33 -16.54
C THR B 135 8.92 -21.57 -15.91
N LEU B 136 9.29 -22.51 -16.79
CA LEU B 136 10.03 -23.69 -16.41
C LEU B 136 11.30 -23.85 -17.27
N TYR B 137 12.39 -24.17 -16.58
CA TYR B 137 13.72 -24.40 -17.21
C TYR B 137 14.20 -25.79 -16.99
N VAL B 138 14.87 -26.38 -17.99
CA VAL B 138 15.57 -27.65 -17.83
C VAL B 138 17.02 -27.50 -18.16
N SER B 139 17.87 -27.84 -17.21
CA SER B 139 19.30 -27.57 -17.30
C SER B 139 19.61 -26.19 -17.76
N GLY B 140 18.92 -25.20 -17.19
CA GLY B 140 19.14 -23.78 -17.44
C GLY B 140 18.50 -23.23 -18.71
N LYS B 141 17.88 -24.08 -19.55
CA LYS B 141 17.22 -23.59 -20.75
C LYS B 141 15.72 -23.44 -20.55
N LEU B 142 15.16 -22.31 -20.98
CA LEU B 142 13.71 -22.10 -20.92
C LEU B 142 12.95 -23.12 -21.83
N VAL B 143 12.04 -23.93 -21.26
CA VAL B 143 11.31 -24.88 -22.03
C VAL B 143 9.79 -24.68 -22.00
N PHE B 144 9.31 -23.90 -21.03
CA PHE B 144 7.89 -23.60 -20.95
C PHE B 144 7.70 -22.16 -20.43
N GLY B 145 6.72 -21.48 -21.00
CA GLY B 145 6.30 -20.17 -20.59
C GLY B 145 7.09 -19.06 -21.31
N LYS B 146 6.65 -17.84 -21.02
CA LYS B 146 7.18 -16.61 -21.58
C LYS B 146 7.71 -15.75 -20.43
N GLU B 147 8.99 -15.38 -20.54
CA GLU B 147 9.63 -14.46 -19.60
C GLU B 147 9.06 -13.04 -19.80
N PRO B 148 8.89 -12.25 -18.72
CA PRO B 148 8.37 -10.89 -18.86
C PRO B 148 9.27 -9.98 -19.70
N HIS C 1 8.63 15.62 -35.37
CA HIS C 1 8.32 17.08 -35.19
C HIS C 1 7.63 17.44 -33.85
N MET C 2 6.38 16.99 -33.62
CA MET C 2 5.65 17.21 -32.35
C MET C 2 5.85 15.99 -31.44
N LYS C 3 6.34 16.20 -30.24
CA LYS C 3 6.55 15.06 -29.33
C LYS C 3 6.44 15.57 -27.87
N ILE C 4 5.31 15.24 -27.25
CA ILE C 4 5.07 15.61 -25.89
C ILE C 4 5.08 14.33 -25.04
N GLU C 5 5.84 14.37 -23.95
CA GLU C 5 5.93 13.21 -23.05
C GLU C 5 5.49 13.61 -21.66
N LEU C 6 5.04 12.61 -20.91
CA LEU C 6 4.51 12.78 -19.52
C LEU C 6 5.29 11.95 -18.50
N LYS C 7 5.64 12.60 -17.39
CA LYS C 7 6.28 11.97 -16.25
C LYS C 7 5.35 12.11 -15.07
N TYR C 8 5.40 11.12 -14.19
CA TYR C 8 4.56 11.08 -12.97
C TYR C 8 5.38 10.76 -11.72
N LYS C 9 4.97 11.37 -10.61
CA LYS C 9 5.36 10.87 -9.28
C LYS C 9 4.19 11.07 -8.31
N ASN C 10 4.29 10.43 -7.14
CA ASN C 10 3.13 10.38 -6.20
C ASN C 10 3.41 11.26 -4.99
N GLY C 11 2.56 12.26 -4.77
CA GLY C 11 2.71 13.13 -3.58
C GLY C 11 2.11 12.56 -2.28
N ARG C 12 1.46 11.39 -2.33
CA ARG C 12 0.86 10.79 -1.15
C ARG C 12 0.62 9.32 -1.38
N THR C 13 1.54 8.47 -0.89
CA THR C 13 1.49 7.07 -1.24
C THR C 13 0.67 6.25 -0.28
N ASN C 14 0.12 6.86 0.76
CA ASN C 14 -0.67 6.19 1.84
C ASN C 14 -1.70 5.22 1.29
N VAL C 15 -1.77 4.06 1.89
CA VAL C 15 -2.80 3.08 1.54
C VAL C 15 -4.24 3.57 1.74
N ASN C 16 -4.54 4.21 2.87
CA ASN C 16 -5.91 4.62 3.14
C ASN C 16 -5.96 6.16 3.18
N THR C 17 -6.42 6.72 2.08
CA THR C 17 -6.53 8.15 1.92
C THR C 17 -7.64 8.45 0.88
N ASP C 18 -8.62 9.27 1.29
CA ASP C 18 -9.64 9.74 0.39
C ASP C 18 -9.06 10.72 -0.60
N THR C 19 -7.97 11.39 -0.20
CA THR C 19 -7.32 12.43 -1.02
C THR C 19 -6.02 11.88 -1.71
N ILE C 20 -5.94 12.24 -2.99
CA ILE C 20 -5.00 11.68 -3.97
C ILE C 20 -4.12 12.86 -4.45
N TYR C 21 -2.81 12.61 -4.64
CA TYR C 21 -1.89 13.72 -4.99
C TYR C 21 -0.99 13.40 -6.22
N PRO C 22 -1.59 13.33 -7.42
CA PRO C 22 -0.79 13.07 -8.63
C PRO C 22 0.07 14.27 -8.97
N MET C 23 1.33 14.00 -9.31
CA MET C 23 2.27 15.05 -9.72
C MET C 23 2.81 14.70 -11.10
N PHE C 24 2.97 15.72 -11.94
CA PHE C 24 3.36 15.48 -13.30
C PHE C 24 4.47 16.46 -13.77
N THR C 25 5.28 15.98 -14.68
CA THR C 25 6.07 16.88 -15.50
C THR C 25 5.65 16.62 -16.98
N ILE C 26 5.33 17.69 -17.72
CA ILE C 26 4.97 17.59 -19.11
C ILE C 26 6.19 18.13 -19.83
N VAL C 27 6.74 17.35 -20.77
CA VAL C 27 8.01 17.77 -21.44
C VAL C 27 7.79 17.77 -22.94
N ASN C 28 8.26 18.86 -23.59
CA ASN C 28 8.22 18.96 -25.04
C ASN C 28 9.56 18.52 -25.62
N LYS C 29 9.58 17.31 -26.17
CA LYS C 29 10.84 16.72 -26.67
C LYS C 29 10.93 16.85 -28.19
N GLY C 30 10.01 17.54 -28.80
CA GLY C 30 10.00 17.71 -30.26
C GLY C 30 10.66 19.06 -30.60
N ASN C 31 10.34 19.52 -31.80
CA ASN C 31 10.84 20.79 -32.33
C ASN C 31 9.73 21.81 -32.64
N GLN C 32 8.51 21.52 -32.21
CA GLN C 32 7.37 22.40 -32.42
C GLN C 32 6.70 22.72 -31.10
N LYS C 33 6.36 23.99 -30.92
CA LYS C 33 5.62 24.44 -29.73
C LYS C 33 4.20 23.90 -29.73
N VAL C 34 3.68 23.74 -28.51
CA VAL C 34 2.30 23.28 -28.25
C VAL C 34 1.65 24.25 -27.26
N LYS C 35 0.42 24.63 -27.58
CA LYS C 35 -0.46 25.37 -26.74
C LYS C 35 -0.92 24.39 -25.58
N LEU C 36 -0.75 24.83 -24.34
CA LEU C 36 -1.23 24.05 -23.16
C LEU C 36 -2.74 23.77 -23.20
N SER C 37 -3.56 24.70 -23.76
CA SER C 37 -4.98 24.43 -23.87
C SER C 37 -5.28 23.25 -24.79
N ASN C 38 -4.33 22.87 -25.64
CA ASN C 38 -4.51 21.67 -26.47
C ASN C 38 -4.08 20.36 -25.79
N ILE C 39 -3.62 20.45 -24.53
CA ILE C 39 -3.11 19.24 -23.83
C ILE C 39 -4.07 18.88 -22.70
N LYS C 40 -4.38 17.57 -22.58
CA LYS C 40 -5.20 17.06 -21.49
C LYS C 40 -4.49 15.81 -20.90
N ILE C 41 -4.69 15.59 -19.61
CA ILE C 41 -4.12 14.43 -18.92
C ILE C 41 -5.23 13.72 -18.19
N ARG C 42 -5.21 12.40 -18.21
CA ARG C 42 -6.17 11.63 -17.37
C ARG C 42 -5.45 10.77 -16.33
N TYR C 43 -6.02 10.76 -15.14
CA TYR C 43 -5.63 9.90 -14.02
C TYR C 43 -6.92 9.06 -13.67
N TYR C 44 -6.78 7.72 -13.75
CA TYR C 44 -7.90 6.78 -13.55
C TYR C 44 -7.91 6.13 -12.16
N TYR C 45 -9.13 5.93 -11.63
CA TYR C 45 -9.29 5.44 -10.28
C TYR C 45 -10.66 4.75 -10.07
N THR C 46 -10.83 4.17 -8.89
CA THR C 46 -12.10 3.68 -8.45
C THR C 46 -12.71 4.53 -7.38
N LYS C 47 -14.00 4.85 -7.56
CA LYS C 47 -14.76 5.65 -6.58
C LYS C 47 -16.19 5.08 -6.53
N GLU C 48 -16.74 4.97 -5.35
CA GLU C 48 -18.08 4.32 -5.19
C GLU C 48 -18.95 5.41 -4.53
N GLY C 49 -20.24 5.43 -4.61
CA GLY C 49 -20.86 6.51 -3.78
C GLY C 49 -20.89 7.97 -4.30
N ASN C 50 -21.78 8.74 -3.67
CA ASN C 50 -22.56 9.81 -4.32
C ASN C 50 -21.90 11.13 -4.51
N ALA C 51 -21.07 11.49 -3.56
CA ALA C 51 -20.62 12.87 -3.46
C ALA C 51 -19.68 13.20 -4.66
N SER C 52 -19.84 14.38 -5.24
CA SER C 52 -18.89 14.83 -6.25
C SER C 52 -17.48 15.02 -5.66
N GLU C 53 -16.47 14.66 -6.43
CA GLU C 53 -15.04 14.91 -6.09
C GLU C 53 -14.70 16.40 -6.00
N THR C 54 -13.63 16.70 -5.28
CA THR C 54 -13.08 18.05 -5.15
C THR C 54 -11.70 18.08 -5.83
N PHE C 55 -11.46 19.06 -6.70
CA PHE C 55 -10.09 19.20 -7.34
C PHE C 55 -9.37 20.44 -6.83
N TRP C 56 -8.06 20.34 -6.66
CA TRP C 56 -7.27 21.57 -6.48
C TRP C 56 -5.91 21.49 -7.11
N CYS C 57 -5.27 22.64 -7.31
CA CYS C 57 -3.90 22.67 -7.85
C CYS C 57 -2.96 23.31 -6.82
N ASP C 58 -1.92 22.57 -6.40
CA ASP C 58 -0.95 23.06 -5.47
C ASP C 58 0.22 23.81 -6.16
N TYR C 59 0.53 23.48 -7.39
CA TYR C 59 1.68 24.13 -8.10
C TYR C 59 1.50 23.91 -9.62
N PHE C 60 1.70 24.98 -10.42
CA PHE C 60 1.88 24.79 -11.85
C PHE C 60 2.85 25.88 -12.32
N THR C 61 3.85 25.48 -13.09
CA THR C 61 4.79 26.38 -13.73
C THR C 61 4.10 27.60 -14.33
N LYS C 62 2.99 27.40 -15.04
CA LYS C 62 2.28 28.49 -15.74
C LYS C 62 1.08 29.06 -14.96
N GLY C 63 1.07 28.87 -13.64
CA GLY C 63 0.05 29.47 -12.78
C GLY C 63 -1.04 28.49 -12.35
N SER C 64 -1.19 28.27 -11.05
CA SER C 64 -2.21 27.33 -10.54
C SER C 64 -3.63 27.64 -10.99
N SER C 65 -3.94 28.92 -11.22
CA SER C 65 -5.26 29.36 -11.59
C SER C 65 -5.62 29.00 -13.04
N ASN C 66 -4.62 28.50 -13.78
CA ASN C 66 -4.82 28.19 -15.21
C ASN C 66 -4.98 26.69 -15.49
N VAL C 67 -5.10 25.95 -14.40
CA VAL C 67 -5.30 24.53 -14.43
C VAL C 67 -6.76 24.23 -14.06
N ILE C 68 -7.41 23.37 -14.85
CA ILE C 68 -8.80 23.03 -14.67
C ILE C 68 -8.88 21.51 -14.46
N GLY C 69 -9.69 21.10 -13.49
CA GLY C 69 -9.90 19.68 -13.27
C GLY C 69 -11.35 19.32 -13.38
N SER C 70 -11.64 18.21 -14.05
CA SER C 70 -13.00 17.77 -14.35
C SER C 70 -13.01 16.29 -14.04
N PHE C 71 -14.19 15.79 -13.69
CA PHE C 71 -14.31 14.39 -13.33
C PHE C 71 -15.36 13.73 -14.19
N ALA C 72 -15.13 12.47 -14.54
CA ALA C 72 -16.16 11.69 -15.28
C ALA C 72 -16.10 10.19 -15.00
N LYS C 73 -17.10 9.48 -15.49
CA LYS C 73 -17.18 8.03 -15.34
C LYS C 73 -16.71 7.31 -16.59
N LEU C 74 -16.11 6.14 -16.39
CA LEU C 74 -15.63 5.36 -17.50
C LEU C 74 -16.75 4.62 -18.27
N ASN C 75 -17.54 3.81 -17.57
CA ASN C 75 -18.38 2.73 -18.17
C ASN C 75 -17.93 1.35 -17.67
N LYS C 78 -14.28 -1.85 -17.41
CA LYS C 78 -15.10 -1.34 -16.32
C LYS C 78 -14.65 -1.92 -14.96
N ASN C 79 -13.88 -3.02 -14.97
CA ASN C 79 -13.38 -3.69 -13.74
C ASN C 79 -12.18 -3.04 -13.02
N ASN C 80 -11.23 -2.49 -13.77
CA ASN C 80 -9.96 -2.05 -13.19
C ASN C 80 -9.95 -0.54 -12.83
N ALA C 81 -11.00 0.15 -13.23
CA ALA C 81 -11.22 1.57 -12.95
C ALA C 81 -12.65 1.92 -13.27
N ASN C 82 -13.22 2.89 -12.56
CA ASN C 82 -14.55 3.36 -12.95
C ASN C 82 -14.67 4.86 -13.15
N SER C 83 -13.59 5.59 -12.87
CA SER C 83 -13.62 7.03 -12.81
C SER C 83 -12.35 7.61 -13.40
N TYR C 84 -12.36 8.89 -13.82
CA TYR C 84 -11.11 9.57 -14.10
C TYR C 84 -11.20 11.05 -13.81
N LEU C 85 -10.05 11.60 -13.43
CA LEU C 85 -9.81 13.04 -13.39
C LEU C 85 -9.22 13.43 -14.77
N GLU C 86 -9.73 14.48 -15.39
CA GLU C 86 -9.15 15.02 -16.62
C GLU C 86 -8.65 16.42 -16.32
N ILE C 87 -7.33 16.58 -16.51
CA ILE C 87 -6.72 17.88 -16.29
C ILE C 87 -6.60 18.63 -17.63
N SER C 88 -7.10 19.88 -17.66
CA SER C 88 -6.97 20.70 -18.86
C SER C 88 -6.44 22.07 -18.43
N PHE C 89 -6.18 22.96 -19.42
CA PHE C 89 -5.48 24.22 -19.16
C PHE C 89 -6.12 25.35 -19.93
N SER C 90 -6.12 26.52 -19.33
CA SER C 90 -6.72 27.70 -19.95
C SER C 90 -5.83 28.30 -21.03
N ASP C 91 -6.41 29.14 -21.89
N ASP C 91 -6.37 29.15 -21.90
CA ASP C 91 -5.62 29.89 -22.86
CA ASP C 91 -5.52 29.87 -22.86
C ASP C 91 -4.48 30.66 -22.20
C ASP C 91 -4.42 30.63 -22.17
N ALA C 92 -4.70 31.20 -21.00
CA ALA C 92 -3.72 31.99 -20.28
C ALA C 92 -2.46 31.21 -19.82
N ALA C 93 -2.56 29.89 -19.78
CA ALA C 93 -1.41 29.07 -19.43
C ALA C 93 -0.32 29.20 -20.49
N GLY C 94 -0.68 29.64 -21.70
CA GLY C 94 0.30 29.82 -22.76
C GLY C 94 0.75 28.56 -23.46
N GLU C 95 2.05 28.50 -23.79
CA GLU C 95 2.57 27.42 -24.66
C GLU C 95 3.74 26.75 -23.95
N ILE C 96 4.04 25.52 -24.33
CA ILE C 96 5.34 24.90 -23.95
C ILE C 96 6.17 24.86 -25.27
N GLY C 97 7.29 25.56 -25.27
CA GLY C 97 8.22 25.59 -26.40
C GLY C 97 9.00 24.28 -26.55
N ALA C 98 9.60 24.10 -27.73
CA ALA C 98 10.47 22.96 -28.00
C ALA C 98 11.50 22.94 -26.93
N GLY C 99 11.71 21.75 -26.34
CA GLY C 99 12.71 21.60 -25.28
C GLY C 99 12.34 22.07 -23.87
N GLU C 100 11.13 22.63 -23.70
CA GLU C 100 10.74 23.19 -22.41
C GLU C 100 9.88 22.12 -21.69
N SER C 101 9.73 22.32 -20.41
CA SER C 101 8.86 21.49 -19.56
C SER C 101 8.05 22.33 -18.58
N VAL C 102 6.95 21.77 -18.07
CA VAL C 102 6.17 22.37 -16.95
C VAL C 102 5.90 21.28 -15.92
N GLU C 103 5.91 21.70 -14.68
CA GLU C 103 5.61 20.83 -13.54
C GLU C 103 4.28 21.20 -12.95
N LEU C 104 3.53 20.15 -12.54
CA LEU C 104 2.15 20.32 -12.12
C LEU C 104 1.88 19.41 -10.94
N SER C 105 1.49 19.96 -9.80
CA SER C 105 1.24 19.21 -8.57
C SER C 105 -0.19 19.47 -8.25
N VAL C 106 -1.04 18.43 -8.33
CA VAL C 106 -2.50 18.63 -8.11
C VAL C 106 -2.95 17.67 -6.99
N GLY C 107 -4.21 17.82 -6.62
CA GLY C 107 -4.80 16.87 -5.68
C GLY C 107 -6.29 16.75 -5.94
N PHE C 108 -6.86 15.64 -5.47
CA PHE C 108 -8.28 15.54 -5.48
C PHE C 108 -8.77 14.71 -4.37
N ALA C 109 -9.98 15.05 -3.90
CA ALA C 109 -10.70 14.21 -2.94
C ALA C 109 -11.70 13.38 -3.68
N LYS C 110 -11.73 12.06 -3.43
CA LYS C 110 -12.76 11.22 -4.01
C LYS C 110 -14.13 11.50 -3.38
N ASN C 111 -14.12 11.90 -2.15
CA ASN C 111 -15.35 12.15 -1.35
C ASN C 111 -16.17 10.89 -1.25
N ASP C 112 -15.45 9.82 -0.88
CA ASP C 112 -16.06 8.48 -0.65
C ASP C 112 -15.98 8.16 0.81
N TRP C 113 -14.87 8.53 1.43
CA TRP C 113 -14.56 8.39 2.86
C TRP C 113 -14.71 6.94 3.37
N SER C 114 -14.22 6.01 2.55
CA SER C 114 -14.40 4.58 2.75
C SER C 114 -13.07 3.93 3.21
N GLN C 115 -13.06 2.59 3.29
CA GLN C 115 -11.86 1.84 3.69
C GLN C 115 -11.09 1.37 2.45
N TYR C 116 -11.31 2.01 1.31
CA TYR C 116 -10.76 1.55 0.06
C TYR C 116 -9.22 1.68 0.10
N ASN C 117 -8.54 0.80 -0.58
CA ASN C 117 -7.08 0.84 -0.66
C ASN C 117 -6.67 1.61 -1.92
N GLN C 118 -5.98 2.73 -1.77
CA GLN C 118 -5.55 3.57 -2.87
C GLN C 118 -4.69 2.85 -3.93
N LYS C 119 -3.91 1.84 -3.48
CA LYS C 119 -3.02 1.10 -4.36
C LYS C 119 -3.78 0.21 -5.41
N ASN C 120 -5.08 0.06 -5.23
CA ASN C 120 -5.93 -0.60 -6.19
C ASN C 120 -6.40 0.29 -7.34
N ASP C 121 -6.03 1.56 -7.32
CA ASP C 121 -6.39 2.49 -8.45
C ASP C 121 -5.45 2.20 -9.62
N TYR C 122 -6.03 2.20 -10.83
CA TYR C 122 -5.31 1.97 -12.04
C TYR C 122 -4.10 2.88 -12.20
N SER C 123 -4.25 4.18 -11.96
CA SER C 123 -3.14 5.08 -12.16
C SER C 123 -2.15 5.18 -10.97
N TYR C 124 -2.38 4.45 -9.87
CA TYR C 124 -1.50 4.57 -8.74
C TYR C 124 -0.12 3.92 -9.03
N SER C 125 0.95 4.66 -8.74
CA SER C 125 2.32 4.13 -8.58
C SER C 125 2.89 4.73 -7.27
N SER C 126 3.72 4.00 -6.58
CA SER C 126 4.32 4.46 -5.36
C SER C 126 5.62 5.31 -5.59
N SER C 127 5.98 5.57 -6.83
CA SER C 127 7.22 6.27 -7.09
C SER C 127 7.26 7.69 -6.52
N THR C 128 8.38 8.04 -5.88
CA THR C 128 8.64 9.44 -5.44
C THR C 128 9.70 10.13 -6.36
N THR C 129 10.10 9.44 -7.44
CA THR C 129 10.82 10.07 -8.57
C THR C 129 9.96 10.15 -9.78
N TYR C 130 9.97 11.29 -10.49
CA TYR C 130 9.24 11.41 -11.73
C TYR C 130 9.76 10.35 -12.70
N PHE C 131 8.83 9.63 -13.30
CA PHE C 131 9.22 8.58 -14.22
C PHE C 131 8.23 8.47 -15.34
N SER C 132 8.56 7.64 -16.34
CA SER C 132 7.71 7.42 -17.48
C SER C 132 6.68 6.34 -17.16
N TRP C 133 5.55 6.78 -16.58
CA TRP C 133 4.49 5.90 -16.12
C TRP C 133 3.40 5.81 -17.12
N ASN C 134 3.14 4.63 -17.71
CA ASN C 134 2.17 4.58 -18.81
C ASN C 134 0.72 4.30 -18.45
N LYS C 135 0.40 4.37 -17.13
CA LYS C 135 -0.98 4.21 -16.68
C LYS C 135 -1.65 5.54 -16.38
N VAL C 136 -1.00 6.63 -16.81
CA VAL C 136 -1.61 7.98 -16.92
C VAL C 136 -1.51 8.33 -18.40
N THR C 137 -2.51 9.01 -18.92
CA THR C 137 -2.62 9.32 -20.32
C THR C 137 -2.52 10.80 -20.66
N LEU C 138 -1.93 11.07 -21.84
CA LEU C 138 -1.80 12.40 -22.34
C LEU C 138 -2.30 12.48 -23.77
N TYR C 139 -3.05 13.54 -24.01
CA TYR C 139 -3.75 13.83 -25.29
C TYR C 139 -3.35 15.20 -25.78
N VAL C 140 -3.07 15.31 -27.09
CA VAL C 140 -2.76 16.57 -27.69
C VAL C 140 -3.78 16.76 -28.78
N SER C 141 -4.55 17.86 -28.68
CA SER C 141 -5.66 18.15 -29.59
C SER C 141 -6.59 16.95 -29.75
N GLY C 142 -6.88 16.31 -28.63
CA GLY C 142 -7.84 15.24 -28.63
C GLY C 142 -7.31 13.87 -28.95
N LYS C 143 -6.05 13.78 -29.33
CA LYS C 143 -5.44 12.51 -29.75
C LYS C 143 -4.58 11.94 -28.66
N LEU C 144 -4.78 10.67 -28.36
CA LEU C 144 -3.93 9.97 -27.39
C LEU C 144 -2.51 9.83 -27.92
N VAL C 145 -1.55 10.39 -27.18
CA VAL C 145 -0.16 10.48 -27.57
C VAL C 145 0.78 9.74 -26.62
N PHE C 146 0.34 9.55 -25.35
CA PHE C 146 1.13 8.86 -24.35
C PHE C 146 0.18 8.09 -23.40
N GLY C 147 0.63 6.89 -23.05
CA GLY C 147 -0.03 6.02 -22.08
C GLY C 147 -1.07 5.09 -22.56
N LYS C 148 -1.52 4.24 -21.64
CA LYS C 148 -2.53 3.21 -21.95
C LYS C 148 -3.79 3.46 -21.17
N GLU C 149 -4.91 3.54 -21.86
CA GLU C 149 -6.21 3.70 -21.26
C GLU C 149 -6.65 2.37 -20.60
N PRO C 150 -7.47 2.41 -19.54
CA PRO C 150 -7.85 1.14 -18.91
C PRO C 150 -8.72 0.29 -19.84
N HIS D 1 1.92 13.09 13.24
CA HIS D 1 2.28 14.15 12.31
C HIS D 1 1.02 14.92 11.92
N MET D 2 0.88 16.14 12.42
CA MET D 2 -0.28 17.01 12.15
C MET D 2 0.04 17.94 10.97
N LYS D 3 -0.81 17.98 9.95
CA LYS D 3 -0.63 18.89 8.80
C LYS D 3 -1.97 19.18 8.13
N ILE D 4 -2.42 20.40 8.28
CA ILE D 4 -3.68 20.83 7.72
C ILE D 4 -3.36 21.90 6.68
N GLU D 5 -3.91 21.77 5.48
CA GLU D 5 -3.69 22.76 4.42
C GLU D 5 -4.99 23.35 3.95
N LEU D 6 -4.90 24.51 3.32
CA LEU D 6 -6.08 25.28 2.90
C LEU D 6 -5.97 25.67 1.45
N LYS D 7 -7.05 25.41 0.71
CA LYS D 7 -7.20 25.80 -0.69
C LYS D 7 -8.33 26.83 -0.79
N TYR D 8 -8.29 27.65 -1.84
CA TYR D 8 -9.21 28.76 -2.06
C TYR D 8 -9.55 28.88 -3.52
N LYS D 9 -10.80 29.25 -3.80
CA LYS D 9 -11.16 29.79 -5.05
C LYS D 9 -12.28 30.80 -4.84
N ASN D 10 -12.57 31.55 -5.89
CA ASN D 10 -13.50 32.68 -5.78
C ASN D 10 -14.83 32.43 -6.39
N GLY D 11 -15.87 32.53 -5.56
CA GLY D 11 -17.24 32.36 -6.02
C GLY D 11 -17.88 33.60 -6.64
N ARG D 12 -17.15 34.73 -6.61
CA ARG D 12 -17.64 36.00 -7.22
C ARG D 12 -16.44 36.90 -7.50
N THR D 13 -15.93 36.82 -8.71
CA THR D 13 -14.72 37.58 -9.07
C THR D 13 -14.97 39.07 -9.47
N ASN D 14 -16.24 39.49 -9.49
CA ASN D 14 -16.65 40.80 -10.02
C ASN D 14 -15.84 41.92 -9.40
N VAL D 15 -15.46 42.91 -10.21
CA VAL D 15 -14.81 44.12 -9.67
C VAL D 15 -15.70 44.88 -8.67
N ASN D 16 -16.98 44.99 -8.98
CA ASN D 16 -17.94 45.79 -8.18
C ASN D 16 -19.00 44.89 -7.52
N THR D 17 -18.83 44.63 -6.20
CA THR D 17 -19.79 43.77 -5.45
C THR D 17 -19.62 44.00 -3.97
N ASP D 18 -20.72 44.27 -3.27
CA ASP D 18 -20.70 44.42 -1.87
C ASP D 18 -20.61 43.08 -1.19
N THR D 19 -21.06 42.06 -1.91
CA THR D 19 -21.05 40.67 -1.41
C THR D 19 -19.81 39.90 -1.90
N ILE D 20 -19.21 39.14 -0.99
CA ILE D 20 -17.88 38.49 -1.15
C ILE D 20 -18.19 36.95 -0.99
N TYR D 21 -17.63 36.11 -1.88
CA TYR D 21 -17.95 34.66 -1.84
C TYR D 21 -16.66 33.79 -1.79
N PRO D 22 -15.96 33.79 -0.64
CA PRO D 22 -14.79 32.94 -0.50
C PRO D 22 -15.19 31.48 -0.46
N MET D 23 -14.44 30.66 -1.18
CA MET D 23 -14.71 29.18 -1.13
C MET D 23 -13.44 28.49 -0.79
N PHE D 24 -13.53 27.48 0.09
CA PHE D 24 -12.37 26.86 0.61
C PHE D 24 -12.48 25.36 0.53
N THR D 25 -11.30 24.72 0.47
CA THR D 25 -11.16 23.32 0.79
C THR D 25 -10.12 23.19 1.93
N ILE D 26 -10.48 22.47 2.99
CA ILE D 26 -9.59 22.26 4.12
C ILE D 26 -9.17 20.80 3.98
N VAL D 27 -7.86 20.58 3.89
CA VAL D 27 -7.26 19.24 3.64
C VAL D 27 -6.37 18.76 4.79
N ASN D 28 -6.66 17.57 5.32
CA ASN D 28 -5.78 16.97 6.33
C ASN D 28 -4.76 16.08 5.60
N LYS D 29 -3.56 16.61 5.48
CA LYS D 29 -2.45 15.93 4.78
C LYS D 29 -1.49 15.23 5.76
N GLY D 30 -1.78 15.27 7.06
CA GLY D 30 -1.00 14.52 8.05
C GLY D 30 -1.61 13.16 8.34
N ASN D 31 -1.26 12.64 9.52
CA ASN D 31 -1.70 11.30 9.92
C ASN D 31 -2.47 11.32 11.21
N GLN D 32 -2.71 12.53 11.77
CA GLN D 32 -3.51 12.75 12.99
C GLN D 32 -4.87 13.40 12.63
N LYS D 33 -5.97 12.89 13.17
CA LYS D 33 -7.25 13.57 12.99
C LYS D 33 -7.25 14.88 13.71
N VAL D 34 -8.05 15.84 13.24
CA VAL D 34 -8.07 17.20 13.86
C VAL D 34 -9.53 17.52 14.07
N LYS D 35 -9.84 18.10 15.22
CA LYS D 35 -11.17 18.61 15.46
C LYS D 35 -11.44 19.95 14.75
N LEU D 36 -12.59 20.05 14.11
CA LEU D 36 -12.92 21.29 13.41
C LEU D 36 -13.11 22.50 14.36
N SER D 37 -13.59 22.26 15.58
CA SER D 37 -13.65 23.33 16.57
C SER D 37 -12.28 23.92 16.86
N ASN D 38 -11.18 23.18 16.63
CA ASN D 38 -9.82 23.74 16.79
C ASN D 38 -9.23 24.42 15.54
N ILE D 39 -10.03 24.55 14.49
CA ILE D 39 -9.60 25.22 13.28
C ILE D 39 -10.31 26.55 13.11
N LYS D 40 -9.54 27.58 12.76
CA LYS D 40 -10.10 28.84 12.35
C LYS D 40 -9.44 29.32 11.03
N ILE D 41 -10.23 29.97 10.19
CA ILE D 41 -9.77 30.58 8.95
C ILE D 41 -10.01 32.07 8.96
N ARG D 42 -9.07 32.86 8.39
CA ARG D 42 -9.31 34.28 8.18
C ARG D 42 -9.22 34.69 6.73
N TYR D 43 -10.11 35.63 6.40
CA TYR D 43 -10.21 36.27 5.08
C TYR D 43 -10.17 37.77 5.31
N TYR D 44 -9.13 38.41 4.77
CA TYR D 44 -8.86 39.82 5.02
C TYR D 44 -9.30 40.76 3.89
N TYR D 45 -9.80 41.92 4.26
CA TYR D 45 -10.35 42.85 3.24
C TYR D 45 -10.37 44.28 3.78
N THR D 46 -10.83 45.17 2.92
CA THR D 46 -11.04 46.58 3.29
C THR D 46 -12.51 46.87 3.29
N LYS D 47 -12.92 47.49 4.39
CA LYS D 47 -14.28 47.99 4.55
C LYS D 47 -14.18 49.47 4.98
N GLU D 48 -15.08 50.31 4.47
CA GLU D 48 -14.99 51.77 4.67
C GLU D 48 -16.17 52.32 5.52
N GLY D 49 -17.29 51.61 5.58
CA GLY D 49 -18.48 52.16 6.28
C GLY D 49 -18.69 51.57 7.65
N ASN D 50 -19.62 52.14 8.41
CA ASN D 50 -19.83 51.68 9.75
C ASN D 50 -20.94 50.61 9.91
N ALA D 51 -21.73 50.28 8.87
CA ALA D 51 -22.77 49.25 9.03
C ALA D 51 -22.13 47.84 9.19
N SER D 52 -22.67 47.04 10.11
CA SER D 52 -22.22 45.67 10.35
C SER D 52 -22.36 44.69 9.17
N GLU D 53 -21.31 43.88 8.93
CA GLU D 53 -21.32 42.83 7.91
C GLU D 53 -22.34 41.74 8.20
N THR D 54 -22.80 41.01 7.18
CA THR D 54 -23.71 39.87 7.31
C THR D 54 -22.91 38.66 6.79
N PHE D 55 -22.88 37.56 7.57
CA PHE D 55 -22.30 36.26 7.14
C PHE D 55 -23.35 35.16 6.85
N TRP D 56 -23.09 34.36 5.81
CA TRP D 56 -23.86 33.13 5.56
C TRP D 56 -22.96 31.99 5.05
N CYS D 57 -23.45 30.77 5.24
CA CYS D 57 -22.76 29.56 4.74
C CYS D 57 -23.61 28.91 3.70
N ASP D 58 -23.11 28.80 2.46
CA ASP D 58 -23.81 28.17 1.39
C ASP D 58 -23.66 26.64 1.35
N TYR D 59 -22.49 26.15 1.73
CA TYR D 59 -22.21 24.69 1.69
C TYR D 59 -21.14 24.40 2.71
N PHE D 60 -21.35 23.35 3.51
CA PHE D 60 -20.22 22.79 4.27
C PHE D 60 -20.39 21.26 4.42
N THR D 61 -19.32 20.53 4.12
CA THR D 61 -19.35 19.07 4.08
C THR D 61 -19.89 18.53 5.40
N LYS D 62 -19.56 19.22 6.48
CA LYS D 62 -19.93 18.79 7.84
C LYS D 62 -21.10 19.58 8.49
N GLY D 63 -21.92 20.19 7.65
CA GLY D 63 -23.20 20.82 8.05
C GLY D 63 -23.05 22.35 8.12
N SER D 64 -23.75 23.06 7.24
CA SER D 64 -23.74 24.58 7.17
C SER D 64 -24.09 25.20 8.53
N SER D 65 -24.93 24.52 9.31
CA SER D 65 -25.35 25.07 10.60
C SER D 65 -24.22 24.97 11.65
N ASN D 66 -23.11 24.27 11.33
CA ASN D 66 -22.01 24.19 12.27
C ASN D 66 -20.89 25.20 11.99
N VAL D 67 -21.12 26.05 11.01
CA VAL D 67 -20.13 27.05 10.59
C VAL D 67 -20.50 28.39 11.29
N ILE D 68 -19.52 29.08 11.86
CA ILE D 68 -19.73 30.31 12.60
C ILE D 68 -18.88 31.40 11.95
N GLY D 69 -19.48 32.51 11.56
CA GLY D 69 -18.65 33.62 11.01
C GLY D 69 -18.68 34.80 11.94
N SER D 70 -17.52 35.41 12.17
CA SER D 70 -17.37 36.59 13.06
C SER D 70 -16.51 37.63 12.32
N PHE D 71 -16.73 38.90 12.59
CA PHE D 71 -16.03 39.96 11.88
C PHE D 71 -15.26 40.80 12.89
N ALA D 72 -14.02 41.17 12.60
CA ALA D 72 -13.20 42.03 13.44
C ALA D 72 -12.41 43.07 12.57
N LYS D 73 -11.79 44.02 13.27
CA LYS D 73 -10.86 44.98 12.65
C LYS D 73 -9.45 44.58 12.94
N LEU D 74 -8.53 44.97 12.07
CA LEU D 74 -7.13 44.57 12.26
C LEU D 74 -6.38 45.46 13.25
N ASN D 79 -2.82 50.04 6.43
CA ASN D 79 -2.98 49.99 5.00
C ASN D 79 -3.19 48.51 4.68
N ASN D 80 -3.15 48.12 3.41
CA ASN D 80 -3.15 46.68 3.07
C ASN D 80 -4.57 46.02 3.23
N ALA D 81 -5.17 46.26 4.40
CA ALA D 81 -6.46 45.63 4.80
C ALA D 81 -6.82 46.17 6.17
N ASN D 82 -8.09 46.34 6.45
CA ASN D 82 -8.44 46.79 7.82
C ASN D 82 -9.44 45.92 8.57
N SER D 83 -9.91 44.85 7.91
CA SER D 83 -10.93 44.01 8.56
C SER D 83 -10.67 42.57 8.19
N TYR D 84 -11.28 41.67 8.95
CA TYR D 84 -11.29 40.25 8.55
C TYR D 84 -12.57 39.54 8.99
N LEU D 85 -12.84 38.50 8.23
CA LEU D 85 -13.82 37.49 8.58
C LEU D 85 -13.04 36.38 9.20
N GLU D 86 -13.51 35.90 10.35
CA GLU D 86 -12.92 34.71 10.98
C GLU D 86 -14.00 33.66 10.97
N ILE D 87 -13.66 32.51 10.39
CA ILE D 87 -14.59 31.38 10.35
C ILE D 87 -14.12 30.39 11.38
N SER D 88 -15.07 29.97 12.24
CA SER D 88 -14.85 28.90 13.20
C SER D 88 -15.98 27.85 13.07
N PHE D 89 -15.88 26.78 13.88
CA PHE D 89 -16.76 25.64 13.75
C PHE D 89 -17.20 25.12 15.15
N SER D 90 -18.43 24.65 15.18
CA SER D 90 -19.00 24.02 16.39
C SER D 90 -18.42 22.65 16.67
N ASP D 91 -18.54 22.18 17.91
CA ASP D 91 -18.17 20.78 18.21
C ASP D 91 -18.91 19.79 17.32
N ALA D 92 -20.15 20.09 16.94
CA ALA D 92 -20.97 19.19 16.13
C ALA D 92 -20.45 19.01 14.69
N ALA D 93 -19.57 19.91 14.28
CA ALA D 93 -18.87 19.77 13.00
C ALA D 93 -17.98 18.51 12.98
N GLY D 94 -17.56 18.01 14.14
CA GLY D 94 -16.80 16.77 14.16
C GLY D 94 -15.32 16.98 13.84
N GLU D 95 -14.76 15.96 13.24
CA GLU D 95 -13.32 15.92 12.97
C GLU D 95 -13.02 15.70 11.50
N ILE D 96 -11.84 16.14 11.05
CA ILE D 96 -11.34 15.76 9.74
C ILE D 96 -10.23 14.71 9.95
N GLY D 97 -10.47 13.53 9.45
CA GLY D 97 -9.53 12.42 9.59
C GLY D 97 -8.32 12.56 8.69
N ALA D 98 -7.33 11.75 8.94
CA ALA D 98 -6.13 11.71 8.11
C ALA D 98 -6.54 11.45 6.68
N GLY D 99 -6.05 12.29 5.75
CA GLY D 99 -6.37 12.09 4.34
C GLY D 99 -7.70 12.62 3.88
N GLU D 100 -8.52 13.11 4.81
CA GLU D 100 -9.85 13.61 4.47
C GLU D 100 -9.81 15.11 4.20
N SER D 101 -10.83 15.58 3.52
CA SER D 101 -10.99 16.99 3.20
C SER D 101 -12.44 17.42 3.41
N VAL D 102 -12.65 18.74 3.60
CA VAL D 102 -13.99 19.31 3.55
C VAL D 102 -14.03 20.54 2.66
N GLU D 103 -15.18 20.76 1.99
CA GLU D 103 -15.42 21.95 1.19
C GLU D 103 -16.34 22.89 1.96
N LEU D 104 -16.10 24.17 1.77
CA LEU D 104 -16.74 25.19 2.63
C LEU D 104 -16.97 26.38 1.73
N SER D 105 -18.23 26.68 1.44
CA SER D 105 -18.54 27.82 0.57
C SER D 105 -19.32 28.84 1.35
N VAL D 106 -18.75 30.04 1.60
CA VAL D 106 -19.36 31.01 2.50
C VAL D 106 -19.58 32.28 1.71
N GLY D 107 -20.26 33.22 2.35
CA GLY D 107 -20.45 34.51 1.72
C GLY D 107 -20.61 35.56 2.78
N PHE D 108 -20.28 36.81 2.45
CA PHE D 108 -20.60 37.87 3.36
C PHE D 108 -20.85 39.16 2.61
N ALA D 109 -21.73 39.98 3.22
CA ALA D 109 -21.98 41.36 2.74
C ALA D 109 -21.11 42.30 3.50
N LYS D 110 -20.35 43.14 2.81
CA LYS D 110 -19.59 44.19 3.52
C LYS D 110 -20.56 45.24 4.09
N ASN D 111 -21.68 45.43 3.43
CA ASN D 111 -22.63 46.50 3.79
C ASN D 111 -21.97 47.86 3.78
N ASP D 112 -21.25 48.09 2.67
CA ASP D 112 -20.60 49.40 2.37
C ASP D 112 -21.32 50.15 1.27
N TRP D 113 -21.89 49.44 0.30
CA TRP D 113 -22.51 50.00 -0.95
C TRP D 113 -21.69 51.09 -1.59
N SER D 114 -20.43 50.78 -1.84
CA SER D 114 -19.48 51.79 -2.30
C SER D 114 -19.06 51.51 -3.72
N GLN D 115 -18.14 52.33 -4.26
CA GLN D 115 -17.54 52.09 -5.59
C GLN D 115 -16.19 51.33 -5.58
N TYR D 116 -15.92 50.65 -4.50
CA TYR D 116 -14.67 49.95 -4.28
C TYR D 116 -14.41 48.86 -5.32
N ASN D 117 -13.15 48.68 -5.62
CA ASN D 117 -12.71 47.59 -6.49
C ASN D 117 -12.35 46.41 -5.65
N GLN D 118 -13.18 45.35 -5.71
CA GLN D 118 -12.94 44.12 -4.91
C GLN D 118 -11.56 43.57 -5.03
N LYS D 119 -10.95 43.77 -6.20
CA LYS D 119 -9.61 43.21 -6.44
C LYS D 119 -8.53 43.82 -5.55
N ASN D 120 -8.87 44.90 -4.84
CA ASN D 120 -7.90 45.55 -3.93
C ASN D 120 -7.90 44.93 -2.52
N ASP D 121 -8.79 43.95 -2.29
CA ASP D 121 -8.80 43.20 -1.02
C ASP D 121 -7.61 42.25 -0.91
N TYR D 122 -7.03 42.21 0.27
CA TYR D 122 -5.84 41.43 0.51
C TYR D 122 -6.02 39.96 0.14
N SER D 123 -7.13 39.36 0.57
CA SER D 123 -7.38 37.98 0.31
C SER D 123 -8.05 37.63 -1.03
N TYR D 124 -8.34 38.64 -1.85
CA TYR D 124 -8.94 38.44 -3.18
C TYR D 124 -7.95 37.74 -4.16
N SER D 125 -8.40 36.68 -4.79
CA SER D 125 -7.72 36.15 -5.97
C SER D 125 -8.82 35.86 -6.99
N SER D 126 -8.49 36.05 -8.27
CA SER D 126 -9.50 35.81 -9.30
C SER D 126 -9.60 34.35 -9.72
N SER D 127 -8.84 33.44 -9.06
CA SER D 127 -8.91 32.02 -9.42
C SER D 127 -10.29 31.38 -9.31
N THR D 128 -10.71 30.64 -10.34
CA THR D 128 -11.87 29.79 -10.23
C THR D 128 -11.51 28.30 -10.07
N THR D 129 -10.21 28.01 -9.86
CA THR D 129 -9.77 26.67 -9.45
C THR D 129 -9.24 26.79 -8.02
N TYR D 130 -9.56 25.79 -7.17
CA TYR D 130 -8.99 25.72 -5.80
C TYR D 130 -7.50 25.63 -5.91
N PHE D 131 -6.80 26.51 -5.21
CA PHE D 131 -5.39 26.47 -5.22
C PHE D 131 -4.81 26.82 -3.87
N SER D 132 -3.50 26.75 -3.77
CA SER D 132 -2.84 26.99 -2.53
C SER D 132 -2.52 28.48 -2.41
N TRP D 133 -3.51 29.24 -1.91
CA TRP D 133 -3.49 30.71 -1.87
C TRP D 133 -3.00 31.17 -0.52
N ASN D 134 -1.81 31.78 -0.47
CA ASN D 134 -1.22 32.03 0.87
C ASN D 134 -1.65 33.36 1.51
N LYS D 135 -2.66 34.02 0.95
CA LYS D 135 -3.20 35.24 1.54
C LYS D 135 -4.55 35.07 2.25
N VAL D 136 -4.93 33.81 2.45
CA VAL D 136 -5.88 33.46 3.50
C VAL D 136 -5.15 32.63 4.52
N THR D 137 -5.53 32.73 5.78
CA THR D 137 -4.80 32.05 6.86
C THR D 137 -5.63 30.98 7.56
N LEU D 138 -4.92 29.96 8.09
CA LEU D 138 -5.53 28.93 8.85
C LEU D 138 -4.72 28.71 10.14
N TYR D 139 -5.47 28.53 11.24
CA TYR D 139 -4.94 28.34 12.58
C TYR D 139 -5.45 27.07 13.10
N VAL D 140 -4.56 26.33 13.78
CA VAL D 140 -4.94 25.12 14.52
C VAL D 140 -4.56 25.32 16.01
N SER D 141 -5.59 25.22 16.86
CA SER D 141 -5.48 25.43 18.29
C SER D 141 -4.83 26.76 18.56
N GLY D 142 -5.20 27.77 17.77
CA GLY D 142 -4.68 29.10 17.98
C GLY D 142 -3.41 29.48 17.30
N LYS D 143 -2.69 28.51 16.75
CA LYS D 143 -1.39 28.73 16.12
C LYS D 143 -1.55 28.83 14.58
N LEU D 144 -1.06 29.91 14.00
CA LEU D 144 -0.93 30.04 12.55
C LEU D 144 -0.13 28.89 11.92
N VAL D 145 -0.75 28.02 11.09
CA VAL D 145 -0.05 26.94 10.35
C VAL D 145 0.02 27.14 8.82
N PHE D 146 -0.81 28.04 8.27
CA PHE D 146 -0.83 28.22 6.81
C PHE D 146 -1.14 29.67 6.53
N GLY D 147 -0.41 30.25 5.57
CA GLY D 147 -0.72 31.57 5.04
C GLY D 147 0.04 32.67 5.75
N LYS D 148 -0.07 33.86 5.20
CA LYS D 148 0.61 35.04 5.69
C LYS D 148 -0.40 36.08 6.05
N GLU D 149 -0.26 36.61 7.27
CA GLU D 149 -1.14 37.62 7.79
C GLU D 149 -0.65 38.91 7.16
N PRO D 150 -1.55 39.90 6.98
CA PRO D 150 -1.18 41.14 6.31
C PRO D 150 -0.24 41.99 7.13
#